data_6H8B
#
_entry.id   6H8B
#
_cell.length_a   116.720
_cell.length_b   116.720
_cell.length_c   235.420
_cell.angle_alpha   90.00
_cell.angle_beta   90.00
_cell.angle_gamma   120.00
#
_symmetry.space_group_name_H-M   'P 63 2 2'
#
loop_
_entity.id
_entity.type
_entity.pdbx_description
1 polymer 'Molybdenum storage protein subunit beta'
2 polymer 'Molybdenum storage protein subunit alpha'
3 non-polymer 'molybdate cluster'
4 non-polymer 2,2,4-tris(oxidanyl)-1,3-dioxa-2$l^{4},4$l^{3}-dimolybdacyclobutane
5 non-polymer oxidanyl-[[2,2,4,4,4-pentakis($l^{1}-oxidanyl)-1-(oxidanylmolybdenio)-1$l^{3},3-dioxa-2$l^{5},4$l^{5}-dimolybdacyclobut-2-yl]oxy]molybdenum
6 non-polymer 'Mo5 Cluster'
7 non-polymer tetrakis($l^{1}-oxidanyl)-[[2,2,2,4,4,4,4,6,6,6,8-undecakis($l^{1}-oxidanyl)-8-(oxidanylmolybdeniooxy)-6-[tris($l^{1}-oxidanyl)molybdeniooxy]-1,3,5,7-tetraoxa-2$l^{6},4$l^{6},6$l^{6},8$l^{4}-tetramolybdacyclooct-2-yl]oxy]molybdenum
8 non-polymer "ADENOSINE-5'-TRIPHOSPHATE"
9 non-polymer 'MAGNESIUM ION'
10 non-polymer 'Molybdate cluster'
11 non-polymer [[[bis(oxidanylmolybdenio)-$l^{3}-oxidanyl]-$l^{1}-oxidanyl-oxidanylidene-molybdenio]-(oxidanylmolybdenio)-$l^{3}-oxidanyl]-tetrakis($l^{1}-oxidanyl)molybdenum
12 non-polymer 'MOLYBDATE ION'
13 water water
#
loop_
_entity_poly.entity_id
_entity_poly.type
_entity_poly.pdbx_seq_one_letter_code
_entity_poly.pdbx_strand_id
1 'polypeptide(L)'
;ANSTAELEELLMQRSLTDPQLQAAAAAAADFRILPDATVIKIGGQSVIDRGRAAVYPLVDEIVAARKNHKLLIGTGAGTR
ARHLYSIAAGLGLPAGVLAQLGSSVADQNAAMLGQLLAKHGIPVVGGAGLSAVPLSLAEVNAVVFSGMPPYKLWMRPAAE
GVIPPYRTDAGCFLLAEQFGCKQMIFVKDEDGLYTANPKTSKDATFIPRISVDEMKAKGLHDSILEFPVLDLLQSAQHVR
EVQVVNGLVPGNLTRALAGEHVGTIITAS
;
B
2 'polypeptide(L)'
;TDTTNSIKHVISPLARQTLQDRDLTRPVAGKRPIRLLPWLQVVKIGGRVMDRGADAILPLVEELRKLLPEHRLLILTGAG
VRARHVFSVGLDLGLPVGSLAPLAASEAGQNGHILAAMLASEGVSYVEHPTVADQLAIHLSATRAVVGSAFPPYHHHEFP
GSRIPPHRADTGAFLLADAFGAAGLTIVENVDGIYTADPNGPDRGQARFLPETSATDLAKSEGPLPVDRALLDVMATARH
IERVQVVNGLVPGRLTAALRGEHVGTLIRTGVRPA
;
A
#
loop_
_chem_comp.id
_chem_comp.type
_chem_comp.name
_chem_comp.formula
ATP non-polymer ADENOSINE-5'-TRIPHOSPHATE 'C10 H16 N5 O13 P3'
FUQ non-polymer 'Mo5 Cluster' 'H20 Mo5 O25'
J7N non-polymer 2,2,4-tris(oxidanyl)-1,3-dioxa-2$l^{4},4$l^{3}-dimolybdacyclobutane 'H3 Mo2 O5'
J7Q non-polymer tetrakis($l^{1}-oxidanyl)-[[2,2,2,4,4,4,4,6,6,6,8-undecakis($l^{1}-oxidanyl)-8-(oxidanylmolybdeniooxy)-6-[tris($l^{1}-oxidanyl)molybdeniooxy]-1,3,5,7-tetraoxa-2$l^{6},4$l^{6},6$l^{6},8$l^{4}-tetramolybdacyclooct-2-yl]oxy]molybdenum 'H Mo7 O26'
J7T non-polymer 'molybdate cluster' 'Mo9 O31'
J85 non-polymer [[[bis(oxidanylmolybdenio)-$l^{3}-oxidanyl]-$l^{1}-oxidanyl-oxidanylidene-molybdenio]-(oxidanylmolybdenio)-$l^{3}-oxidanyl]-tetrakis($l^{1}-oxidanyl)molybdenum 'H3 Mo5 O11'
J8B non-polymer 'Molybdate cluster' 'Mo8 O26'
J8E non-polymer oxidanyl-[[2,2,4,4,4-pentakis($l^{1}-oxidanyl)-1-(oxidanylmolybdenio)-1$l^{3},3-dioxa-2$l^{5},4$l^{5}-dimolybdacyclobut-2-yl]oxy]molybdenum 'H2 Mo4 O10'
MG non-polymer 'MAGNESIUM ION' 'Mg 2'
MOO non-polymer 'MOLYBDATE ION' 'Mo O4 -2'
#
# COMPACT_ATOMS: atom_id res chain seq x y z
N ASN A 2 -18.47 17.21 13.57
CA ASN A 2 -17.91 16.24 14.50
C ASN A 2 -16.84 16.89 15.38
N SER A 3 -17.25 17.32 16.57
CA SER A 3 -16.34 17.95 17.52
C SER A 3 -15.12 17.05 17.77
N THR A 4 -14.01 17.65 18.20
CA THR A 4 -12.80 16.88 18.43
C THR A 4 -12.92 16.03 19.68
N ALA A 5 -13.58 16.55 20.72
CA ALA A 5 -13.80 15.78 21.93
C ALA A 5 -14.52 14.48 21.63
N GLU A 6 -15.44 14.50 20.66
CA GLU A 6 -16.14 13.29 20.25
C GLU A 6 -15.22 12.39 19.43
N LEU A 7 -14.45 12.97 18.52
CA LEU A 7 -13.51 12.19 17.72
C LEU A 7 -12.49 11.48 18.62
N GLU A 8 -11.91 12.21 19.57
CA GLU A 8 -10.94 11.60 20.47
C GLU A 8 -11.59 10.58 21.38
N GLU A 9 -12.85 10.78 21.74
CA GLU A 9 -13.57 9.77 22.53
C GLU A 9 -13.76 8.49 21.72
N LEU A 10 -14.04 8.63 20.42
CA LEU A 10 -14.22 7.45 19.58
C LEU A 10 -12.89 6.78 19.27
N LEU A 11 -11.83 7.59 19.05
CA LEU A 11 -10.52 7.03 18.74
C LEU A 11 -9.99 6.13 19.85
N MET A 12 -10.51 6.28 21.09
CA MET A 12 -10.01 5.53 22.22
C MET A 12 -10.96 4.44 22.70
N GLN A 13 -12.23 4.47 22.30
CA GLN A 13 -13.22 3.51 22.75
C GLN A 13 -13.61 2.49 21.70
N ARG A 14 -13.52 2.83 20.42
CA ARG A 14 -14.05 2.02 19.34
C ARG A 14 -12.93 1.42 18.50
N SER A 15 -13.33 0.45 17.68
CA SER A 15 -12.44 -0.09 16.65
C SER A 15 -12.40 0.88 15.47
N LEU A 16 -11.23 0.95 14.83
CA LEU A 16 -11.08 1.83 13.68
C LEU A 16 -12.09 1.51 12.58
N THR A 17 -12.65 0.30 12.59
CA THR A 17 -13.68 -0.06 11.62
C THR A 17 -15.04 0.53 11.94
N ASP A 18 -15.22 1.08 13.14
CA ASP A 18 -16.52 1.59 13.55
C ASP A 18 -16.95 2.74 12.63
N PRO A 19 -18.12 2.65 11.99
CA PRO A 19 -18.51 3.73 11.06
C PRO A 19 -18.55 5.11 11.70
N GLN A 20 -18.94 5.21 12.97
CA GLN A 20 -19.02 6.52 13.60
C GLN A 20 -17.64 7.15 13.75
N LEU A 21 -16.62 6.33 14.03
CA LEU A 21 -15.26 6.85 14.09
C LEU A 21 -14.78 7.29 12.71
N GLN A 22 -15.06 6.49 11.69
CA GLN A 22 -14.71 6.89 10.32
C GLN A 22 -15.36 8.21 9.95
N ALA A 23 -16.65 8.36 10.28
CA ALA A 23 -17.35 9.60 9.97
C ALA A 23 -16.75 10.78 10.73
N ALA A 24 -16.40 10.58 12.00
CA ALA A 24 -15.82 11.66 12.79
C ALA A 24 -14.47 12.08 12.23
N ALA A 25 -13.67 11.11 11.76
CA ALA A 25 -12.37 11.45 11.19
C ALA A 25 -12.50 12.13 9.83
N ALA A 26 -13.58 11.85 9.10
CA ALA A 26 -13.77 12.46 7.79
C ALA A 26 -13.98 13.96 7.87
N ALA A 27 -14.34 14.49 9.04
CA ALA A 27 -14.57 15.92 9.21
C ALA A 27 -13.32 16.69 9.59
N ALA A 28 -12.18 16.02 9.72
CA ALA A 28 -10.95 16.68 10.12
C ALA A 28 -10.51 17.69 9.06
N ALA A 29 -9.69 18.64 9.50
CA ALA A 29 -9.13 19.63 8.59
C ALA A 29 -8.29 18.94 7.51
N ASP A 30 -8.03 19.68 6.44
CA ASP A 30 -7.31 19.16 5.28
C ASP A 30 -6.09 20.03 5.03
N PHE A 31 -4.91 19.43 5.13
CA PHE A 31 -3.64 20.13 4.94
C PHE A 31 -2.96 19.62 3.68
N ARG A 32 -2.47 20.54 2.85
CA ARG A 32 -1.72 20.21 1.64
C ARG A 32 -0.24 20.47 1.90
N ILE A 33 0.58 19.43 1.71
CA ILE A 33 1.99 19.53 2.04
C ILE A 33 2.74 20.33 0.97
N LEU A 34 2.53 19.98 -0.31
CA LEU A 34 3.20 20.64 -1.43
C LEU A 34 2.14 21.18 -2.38
N PRO A 35 1.41 22.23 -1.97
CA PRO A 35 0.27 22.68 -2.78
C PRO A 35 0.65 23.33 -4.09
N ASP A 36 1.90 23.76 -4.27
CA ASP A 36 2.31 24.49 -5.46
C ASP A 36 3.16 23.66 -6.42
N ALA A 37 3.26 22.35 -6.20
CA ALA A 37 4.08 21.49 -7.03
C ALA A 37 3.23 20.74 -8.05
N THR A 38 3.89 20.30 -9.12
CA THR A 38 3.28 19.46 -10.14
C THR A 38 4.08 18.17 -10.26
N VAL A 39 3.39 17.04 -10.22
CA VAL A 39 4.02 15.74 -10.41
C VAL A 39 3.92 15.36 -11.88
N ILE A 40 5.03 14.90 -12.44
CA ILE A 40 5.10 14.49 -13.84
C ILE A 40 5.72 13.09 -13.90
N LYS A 41 5.10 12.21 -14.68
CA LYS A 41 5.67 10.91 -14.97
C LYS A 41 6.29 10.94 -16.37
N ILE A 42 7.54 10.51 -16.48
CA ILE A 42 8.20 10.31 -17.76
C ILE A 42 8.15 8.83 -18.07
N GLY A 43 7.54 8.48 -19.20
CA GLY A 43 7.31 7.08 -19.51
C GLY A 43 8.60 6.33 -19.76
N GLY A 44 8.61 5.06 -19.34
CA GLY A 44 9.75 4.19 -19.58
C GLY A 44 9.90 3.81 -21.04
N GLN A 45 8.93 3.06 -21.56
CA GLN A 45 8.97 2.68 -22.97
C GLN A 45 8.59 3.85 -23.86
N SER A 46 7.63 4.67 -23.40
CA SER A 46 7.17 5.81 -24.18
C SER A 46 8.30 6.76 -24.53
N VAL A 47 9.27 6.92 -23.65
CA VAL A 47 10.23 8.02 -23.75
C VAL A 47 11.64 7.50 -23.48
N ILE A 48 11.89 7.08 -22.24
CA ILE A 48 13.26 6.84 -21.79
C ILE A 48 13.91 5.73 -22.60
N ASP A 49 13.17 4.65 -22.88
CA ASP A 49 13.72 3.55 -23.67
C ASP A 49 14.11 3.98 -25.08
N ARG A 50 13.58 5.12 -25.56
CA ARG A 50 13.82 5.54 -26.93
C ARG A 50 15.16 6.26 -27.11
N GLY A 51 15.80 6.69 -26.03
CA GLY A 51 17.15 7.22 -26.12
C GLY A 51 17.25 8.73 -26.21
N ARG A 52 18.32 9.20 -26.86
CA ARG A 52 18.61 10.63 -26.91
CA ARG A 52 18.59 10.63 -26.88
C ARG A 52 17.53 11.39 -27.66
N ALA A 53 16.99 10.81 -28.73
CA ALA A 53 16.01 11.52 -29.54
C ALA A 53 14.81 11.98 -28.71
N ALA A 54 14.41 11.21 -27.71
CA ALA A 54 13.27 11.56 -26.87
C ALA A 54 13.67 12.16 -25.53
N VAL A 55 14.81 11.77 -24.97
CA VAL A 55 15.18 12.21 -23.63
C VAL A 55 15.78 13.60 -23.65
N TYR A 56 16.68 13.88 -24.58
CA TYR A 56 17.34 15.19 -24.60
C TYR A 56 16.36 16.34 -24.74
N PRO A 57 15.40 16.31 -25.68
CA PRO A 57 14.44 17.42 -25.75
C PRO A 57 13.69 17.63 -24.45
N LEU A 58 13.30 16.55 -23.77
CA LEU A 58 12.56 16.69 -22.53
C LEU A 58 13.43 17.24 -21.41
N VAL A 59 14.69 16.80 -21.34
CA VAL A 59 15.63 17.39 -20.39
C VAL A 59 15.69 18.90 -20.58
N ASP A 60 15.75 19.35 -21.83
CA ASP A 60 15.76 20.78 -22.11
C ASP A 60 14.46 21.44 -21.65
N GLU A 61 13.32 20.80 -21.93
CA GLU A 61 12.05 21.36 -21.48
C GLU A 61 12.02 21.49 -19.96
N ILE A 62 12.49 20.47 -19.25
CA ILE A 62 12.45 20.51 -17.79
C ILE A 62 13.35 21.62 -17.26
N VAL A 63 14.54 21.78 -17.84
CA VAL A 63 15.47 22.79 -17.36
C VAL A 63 14.86 24.19 -17.50
N ALA A 64 14.18 24.44 -18.62
CA ALA A 64 13.57 25.74 -18.84
C ALA A 64 12.28 25.90 -18.03
N ALA A 65 11.53 24.82 -17.84
CA ALA A 65 10.24 24.91 -17.18
C ALA A 65 10.38 25.22 -15.69
N ARG A 66 11.44 24.72 -15.04
CA ARG A 66 11.58 24.91 -13.61
C ARG A 66 11.83 26.36 -13.22
N LYS A 67 12.08 27.25 -14.20
CA LYS A 67 12.18 28.67 -13.88
C LYS A 67 10.83 29.23 -13.41
N ASN A 68 9.73 28.63 -13.85
CA ASN A 68 8.40 29.12 -13.51
C ASN A 68 7.48 28.07 -12.88
N HIS A 69 7.92 26.81 -12.78
CA HIS A 69 7.05 25.75 -12.26
C HIS A 69 7.85 24.81 -11.37
N LYS A 70 7.28 24.49 -10.22
CA LYS A 70 7.88 23.52 -9.30
C LYS A 70 7.46 22.11 -9.73
N LEU A 71 8.44 21.22 -9.90
CA LEU A 71 8.22 19.94 -10.54
C LEU A 71 8.77 18.79 -9.69
N LEU A 72 7.99 17.72 -9.59
CA LEU A 72 8.46 16.43 -9.11
C LEU A 72 8.33 15.44 -10.26
N ILE A 73 9.46 14.92 -10.71
CA ILE A 73 9.53 14.17 -11.97
C ILE A 73 9.76 12.70 -11.62
N GLY A 74 8.76 11.86 -11.87
CA GLY A 74 8.86 10.43 -11.65
C GLY A 74 9.13 9.69 -12.95
N THR A 75 9.76 8.52 -12.83
CA THR A 75 10.18 7.74 -13.98
C THR A 75 9.41 6.42 -14.04
N GLY A 76 9.12 5.98 -15.27
CA GLY A 76 8.56 4.67 -15.50
C GLY A 76 9.64 3.61 -15.63
N ALA A 77 9.19 2.38 -15.86
CA ALA A 77 10.12 1.24 -15.97
C ALA A 77 10.36 0.89 -17.42
N GLY A 78 9.54 0.02 -18.00
CA GLY A 78 9.59 -0.23 -19.43
C GLY A 78 10.07 -1.60 -19.86
N THR A 79 10.87 -1.61 -20.93
CA THR A 79 11.21 -2.86 -21.59
C THR A 79 11.84 -3.86 -20.63
N ARG A 80 12.87 -3.43 -19.89
CA ARG A 80 13.58 -4.35 -19.01
C ARG A 80 12.66 -4.90 -17.93
N ALA A 81 11.64 -4.13 -17.51
CA ALA A 81 10.70 -4.62 -16.52
C ALA A 81 9.80 -5.71 -17.11
N ARG A 82 9.37 -5.52 -18.36
CA ARG A 82 8.54 -6.54 -19.00
C ARG A 82 9.32 -7.84 -19.20
N HIS A 83 10.64 -7.76 -19.37
CA HIS A 83 11.44 -8.97 -19.48
C HIS A 83 11.53 -9.68 -18.14
N LEU A 84 11.68 -8.93 -17.05
CA LEU A 84 11.73 -9.54 -15.72
C LEU A 84 10.40 -10.19 -15.37
N TYR A 85 9.28 -9.51 -15.66
CA TYR A 85 7.98 -10.10 -15.40
C TYR A 85 7.82 -11.41 -16.15
N SER A 86 8.33 -11.49 -17.38
CA SER A 86 8.23 -12.70 -18.16
C SER A 86 9.00 -13.84 -17.52
N ILE A 87 10.26 -13.58 -17.13
CA ILE A 87 11.08 -14.60 -16.49
C ILE A 87 10.41 -15.08 -15.20
N ALA A 88 10.09 -14.14 -14.30
CA ALA A 88 9.54 -14.51 -13.01
C ALA A 88 8.17 -15.19 -13.17
N ALA A 89 7.30 -14.63 -14.03
CA ALA A 89 5.98 -15.21 -14.21
C ALA A 89 6.07 -16.65 -14.73
N GLY A 90 7.01 -16.90 -15.64
CA GLY A 90 7.21 -18.25 -16.14
C GLY A 90 7.66 -19.23 -15.07
N LEU A 91 8.27 -18.73 -13.99
CA LEU A 91 8.67 -19.56 -12.87
C LEU A 91 7.56 -19.74 -11.83
N GLY A 92 6.47 -18.98 -11.94
CA GLY A 92 5.40 -19.07 -10.97
C GLY A 92 5.60 -18.22 -9.73
N LEU A 93 6.42 -17.19 -9.80
CA LEU A 93 6.66 -16.34 -8.64
C LEU A 93 5.49 -15.39 -8.42
N PRO A 94 5.18 -15.06 -7.17
CA PRO A 94 3.99 -14.25 -6.88
C PRO A 94 4.18 -12.79 -7.29
N ALA A 95 3.06 -12.07 -7.30
CA ALA A 95 3.08 -10.66 -7.70
C ALA A 95 4.01 -9.84 -6.83
N GLY A 96 4.06 -10.14 -5.52
CA GLY A 96 4.92 -9.39 -4.63
C GLY A 96 6.39 -9.47 -5.01
N VAL A 97 6.82 -10.62 -5.56
CA VAL A 97 8.21 -10.74 -5.99
C VAL A 97 8.44 -9.96 -7.28
N LEU A 98 7.49 -10.04 -8.22
CA LEU A 98 7.62 -9.26 -9.46
C LEU A 98 7.65 -7.76 -9.17
N ALA A 99 6.89 -7.33 -8.16
CA ALA A 99 6.88 -5.90 -7.82
C ALA A 99 8.27 -5.42 -7.44
N GLN A 100 9.01 -6.22 -6.68
CA GLN A 100 10.37 -5.84 -6.31
C GLN A 100 11.26 -5.73 -7.54
N LEU A 101 11.06 -6.60 -8.53
CA LEU A 101 11.88 -6.56 -9.73
C LEU A 101 11.62 -5.30 -10.54
N GLY A 102 10.36 -4.85 -10.58
CA GLY A 102 10.05 -3.67 -11.38
C GLY A 102 10.66 -2.40 -10.82
N SER A 103 10.74 -2.29 -9.49
CA SER A 103 11.33 -1.10 -8.88
C SER A 103 12.75 -0.89 -9.38
N SER A 104 13.51 -1.97 -9.59
CA SER A 104 14.89 -1.84 -10.04
C SER A 104 14.97 -1.13 -11.38
N VAL A 105 13.99 -1.36 -12.26
CA VAL A 105 14.03 -0.75 -13.58
C VAL A 105 13.73 0.75 -13.49
N ALA A 106 12.66 1.11 -12.79
CA ALA A 106 12.32 2.52 -12.63
C ALA A 106 13.44 3.28 -11.93
N ASP A 107 14.14 2.61 -11.00
CA ASP A 107 15.26 3.26 -10.33
C ASP A 107 16.41 3.52 -11.29
N GLN A 108 16.71 2.56 -12.17
CA GLN A 108 17.72 2.77 -13.20
C GLN A 108 17.42 4.01 -14.02
N ASN A 109 16.18 4.11 -14.52
CA ASN A 109 15.81 5.23 -15.39
C ASN A 109 15.95 6.56 -14.65
N ALA A 110 15.61 6.58 -13.36
CA ALA A 110 15.76 7.81 -12.59
C ALA A 110 17.22 8.20 -12.46
N ALA A 111 18.10 7.20 -12.31
CA ALA A 111 19.53 7.49 -12.23
C ALA A 111 20.03 8.11 -13.52
N MET A 112 19.65 7.53 -14.67
CA MET A 112 20.15 8.03 -15.95
C MET A 112 19.73 9.48 -16.18
N LEU A 113 18.49 9.83 -15.83
CA LEU A 113 18.08 11.22 -15.92
C LEU A 113 18.89 12.09 -14.97
N GLY A 114 19.28 11.56 -13.81
CA GLY A 114 20.11 12.33 -12.90
C GLY A 114 21.47 12.65 -13.47
N GLN A 115 22.07 11.70 -14.17
CA GLN A 115 23.36 11.93 -14.81
C GLN A 115 23.28 13.13 -15.74
N LEU A 116 22.14 13.28 -16.42
CA LEU A 116 21.98 14.34 -17.42
C LEU A 116 21.57 15.67 -16.79
N LEU A 117 20.87 15.64 -15.66
CA LEU A 117 20.36 16.84 -15.03
C LEU A 117 21.24 17.37 -13.91
N ALA A 118 22.33 16.67 -13.58
CA ALA A 118 23.15 17.08 -12.45
C ALA A 118 23.77 18.45 -12.65
N LYS A 119 24.26 18.73 -13.86
CA LYS A 119 24.90 20.01 -14.13
C LYS A 119 23.91 21.17 -14.10
N HIS A 120 22.61 20.89 -14.08
CA HIS A 120 21.59 21.93 -14.00
C HIS A 120 21.06 22.14 -12.58
N GLY A 121 21.59 21.42 -11.61
CA GLY A 121 21.18 21.58 -10.23
C GLY A 121 19.95 20.80 -9.82
N ILE A 122 19.51 19.85 -10.61
CA ILE A 122 18.31 19.07 -10.35
C ILE A 122 18.75 17.68 -9.90
N PRO A 123 18.51 17.29 -8.65
CA PRO A 123 19.00 16.01 -8.15
C PRO A 123 17.99 14.88 -8.30
N VAL A 124 18.51 13.66 -8.23
CA VAL A 124 17.70 12.47 -8.01
C VAL A 124 17.64 12.22 -6.51
N VAL A 125 16.44 12.02 -5.98
CA VAL A 125 16.22 12.00 -4.54
C VAL A 125 15.30 10.86 -4.15
N GLY A 126 15.44 10.45 -2.88
CA GLY A 126 14.42 9.67 -2.21
C GLY A 126 13.67 10.59 -1.26
N GLY A 127 12.36 10.38 -1.17
CA GLY A 127 11.52 11.27 -0.38
C GLY A 127 11.32 12.60 -1.10
N ALA A 128 10.83 12.55 -2.34
CA ALA A 128 10.62 13.77 -3.10
C ALA A 128 9.58 14.67 -2.42
N GLY A 129 8.61 14.09 -1.73
CA GLY A 129 7.55 14.88 -1.13
C GLY A 129 8.02 15.79 -0.01
N LEU A 130 9.12 15.43 0.66
CA LEU A 130 9.69 16.24 1.72
C LEU A 130 11.09 16.74 1.37
N SER A 131 11.41 16.81 0.08
CA SER A 131 12.68 17.39 -0.37
C SER A 131 12.52 18.90 -0.32
N ALA A 132 12.62 19.44 0.90
CA ALA A 132 12.24 20.83 1.13
C ALA A 132 13.24 21.80 0.52
N VAL A 133 14.53 21.52 0.66
CA VAL A 133 15.57 22.45 0.21
C VAL A 133 15.51 22.64 -1.30
N PRO A 134 15.67 21.58 -2.10
CA PRO A 134 15.66 21.78 -3.56
C PRO A 134 14.39 22.43 -4.08
N LEU A 135 13.25 22.16 -3.47
CA LEU A 135 11.98 22.69 -3.93
C LEU A 135 11.70 24.12 -3.45
N SER A 136 12.68 24.77 -2.83
CA SER A 136 12.53 26.15 -2.39
CA SER A 136 12.56 26.15 -2.36
C SER A 136 13.63 27.05 -2.95
N LEU A 137 14.43 26.54 -3.88
CA LEU A 137 15.54 27.28 -4.47
C LEU A 137 15.25 27.54 -5.95
N ALA A 138 15.39 28.80 -6.36
CA ALA A 138 15.22 29.12 -7.78
C ALA A 138 16.27 28.44 -8.63
N GLU A 139 17.45 28.15 -8.05
CA GLU A 139 18.49 27.45 -8.78
C GLU A 139 18.15 25.99 -9.04
N VAL A 140 17.17 25.45 -8.32
CA VAL A 140 16.80 24.04 -8.44
C VAL A 140 15.33 23.94 -8.80
N ASN A 141 14.46 23.92 -7.80
CA ASN A 141 13.02 23.96 -7.98
C ASN A 141 12.45 22.72 -8.64
N ALA A 142 13.16 21.59 -8.57
CA ALA A 142 12.67 20.35 -9.15
C ALA A 142 13.55 19.20 -8.68
N VAL A 143 12.96 18.00 -8.63
CA VAL A 143 13.68 16.80 -8.25
C VAL A 143 13.17 15.63 -9.09
N VAL A 144 13.95 14.55 -9.09
CA VAL A 144 13.62 13.33 -9.82
C VAL A 144 13.50 12.20 -8.81
N PHE A 145 12.52 11.32 -9.02
CA PHE A 145 12.31 10.16 -8.16
C PHE A 145 11.87 8.98 -9.02
N SER A 146 11.91 7.79 -8.42
CA SER A 146 11.50 6.57 -9.09
C SER A 146 10.00 6.36 -8.95
N GLY A 147 9.39 5.79 -9.98
CA GLY A 147 7.94 5.77 -10.10
C GLY A 147 7.23 4.64 -9.41
N MET A 148 7.94 3.56 -9.06
CA MET A 148 7.25 2.42 -8.47
C MET A 148 6.91 2.70 -7.00
N PRO A 149 5.78 2.16 -6.51
CA PRO A 149 5.42 2.36 -5.11
C PRO A 149 6.21 1.44 -4.20
N PRO A 150 6.13 1.64 -2.89
CA PRO A 150 6.95 0.85 -1.94
C PRO A 150 6.35 -0.46 -1.47
N TYR A 151 5.25 -0.93 -2.07
CA TYR A 151 4.57 -2.10 -1.53
C TYR A 151 5.48 -3.33 -1.52
N LYS A 152 6.19 -3.55 -2.62
CA LYS A 152 7.18 -4.64 -2.72
C LYS A 152 6.45 -5.96 -2.46
N LEU A 153 6.93 -6.82 -1.57
CA LEU A 153 6.31 -8.13 -1.37
C LEU A 153 4.89 -8.02 -0.83
N TRP A 154 4.51 -6.88 -0.27
CA TRP A 154 3.16 -6.65 0.22
C TRP A 154 2.21 -6.17 -0.87
N MET A 155 2.61 -6.24 -2.13
CA MET A 155 1.76 -5.82 -3.24
C MET A 155 0.47 -6.62 -3.24
N ARG A 156 -0.65 -5.94 -3.39
CA ARG A 156 -1.94 -6.62 -3.48
C ARG A 156 -2.05 -7.27 -4.86
N PRO A 157 -2.26 -8.58 -4.96
CA PRO A 157 -2.36 -9.21 -6.28
C PRO A 157 -3.61 -8.76 -7.01
N ALA A 158 -3.55 -8.84 -8.34
CA ALA A 158 -4.72 -8.61 -9.17
C ALA A 158 -5.67 -9.81 -9.05
N ALA A 159 -6.86 -9.64 -9.61
CA ALA A 159 -7.85 -10.73 -9.57
C ALA A 159 -7.32 -11.98 -10.27
N GLU A 160 -6.54 -11.80 -11.34
CA GLU A 160 -5.99 -12.93 -12.08
C GLU A 160 -4.62 -12.52 -12.62
N GLY A 161 -3.65 -13.43 -12.51
CA GLY A 161 -2.30 -13.16 -12.96
C GLY A 161 -1.41 -12.67 -11.83
N VAL A 162 -0.11 -12.66 -12.12
CA VAL A 162 0.91 -12.25 -11.14
C VAL A 162 1.52 -10.91 -11.48
N ILE A 163 1.07 -10.24 -12.52
CA ILE A 163 1.59 -8.92 -12.87
C ILE A 163 1.12 -7.92 -11.81
N PRO A 164 2.02 -7.19 -11.15
CA PRO A 164 1.59 -6.23 -10.13
C PRO A 164 0.62 -5.22 -10.71
N PRO A 165 -0.57 -5.07 -10.12
CA PRO A 165 -1.55 -4.14 -10.69
C PRO A 165 -1.25 -2.67 -10.44
N TYR A 166 -0.48 -2.35 -9.40
CA TYR A 166 -0.13 -0.96 -9.07
C TYR A 166 1.32 -0.74 -9.44
N ARG A 167 1.54 -0.01 -10.53
CA ARG A 167 2.89 0.23 -11.03
C ARG A 167 3.19 1.72 -11.07
N THR A 168 3.88 2.20 -12.11
CA THR A 168 4.42 3.55 -12.07
C THR A 168 3.35 4.62 -12.20
N ASP A 169 2.26 4.35 -12.93
CA ASP A 169 1.16 5.31 -12.96
C ASP A 169 0.56 5.51 -11.58
N ALA A 170 0.40 4.41 -10.83
CA ALA A 170 -0.15 4.52 -9.47
C ALA A 170 0.86 5.16 -8.52
N GLY A 171 2.14 4.79 -8.65
CA GLY A 171 3.14 5.34 -7.76
C GLY A 171 3.23 6.85 -7.86
N CYS A 172 3.28 7.39 -9.08
CA CYS A 172 3.39 8.83 -9.25
C CYS A 172 2.10 9.54 -8.84
N PHE A 173 0.94 8.95 -9.16
CA PHE A 173 -0.33 9.60 -8.85
C PHE A 173 -0.51 9.73 -7.34
N LEU A 174 -0.31 8.64 -6.60
CA LEU A 174 -0.54 8.66 -5.16
C LEU A 174 0.41 9.62 -4.46
N LEU A 175 1.61 9.81 -4.99
CA LEU A 175 2.51 10.82 -4.44
C LEU A 175 1.89 12.22 -4.59
N ALA A 176 1.38 12.52 -5.79
CA ALA A 176 0.72 13.80 -6.01
C ALA A 176 -0.50 13.95 -5.09
N GLU A 177 -1.25 12.87 -4.89
CA GLU A 177 -2.47 12.94 -4.10
C GLU A 177 -2.17 13.19 -2.62
N GLN A 178 -1.25 12.42 -2.05
CA GLN A 178 -1.03 12.48 -0.61
C GLN A 178 -0.34 13.77 -0.19
N PHE A 179 0.49 14.35 -1.05
CA PHE A 179 1.13 15.63 -0.75
C PHE A 179 0.35 16.82 -1.27
N GLY A 180 -0.89 16.60 -1.72
CA GLY A 180 -1.75 17.71 -2.10
C GLY A 180 -1.22 18.56 -3.22
N CYS A 181 -0.51 17.98 -4.17
CA CYS A 181 -0.04 18.74 -5.32
C CYS A 181 -1.22 19.23 -6.15
N LYS A 182 -0.95 20.22 -7.01
CA LYS A 182 -2.00 20.89 -7.75
C LYS A 182 -2.27 20.29 -9.12
N GLN A 183 -1.38 19.42 -9.62
CA GLN A 183 -1.50 18.97 -11.00
C GLN A 183 -0.74 17.68 -11.19
N MET A 184 -1.30 16.79 -12.02
CA MET A 184 -0.69 15.50 -12.33
C MET A 184 -0.68 15.34 -13.84
N ILE A 185 0.49 15.10 -14.42
CA ILE A 185 0.66 15.03 -15.87
C ILE A 185 1.37 13.72 -16.20
N PHE A 186 0.73 12.90 -17.04
CA PHE A 186 1.34 11.67 -17.54
C PHE A 186 1.89 11.93 -18.93
N VAL A 187 3.17 11.66 -19.12
CA VAL A 187 3.85 11.90 -20.39
C VAL A 187 4.05 10.55 -21.08
N LYS A 188 3.26 10.30 -22.13
CA LYS A 188 3.28 9.05 -22.86
C LYS A 188 3.86 9.29 -24.26
N ASP A 189 3.59 8.35 -25.17
CA ASP A 189 3.99 8.49 -26.57
C ASP A 189 2.79 8.65 -27.50
N GLU A 190 1.60 8.89 -26.95
CA GLU A 190 0.40 9.12 -27.74
C GLU A 190 -0.19 10.48 -27.40
N ASP A 191 -0.96 11.03 -28.34
CA ASP A 191 -1.57 12.34 -28.12
C ASP A 191 -2.57 12.31 -26.97
N GLY A 192 -3.15 11.15 -26.68
CA GLY A 192 -4.12 11.05 -25.61
C GLY A 192 -5.04 9.87 -25.82
N LEU A 193 -6.24 9.97 -25.23
CA LEU A 193 -7.22 8.91 -25.31
C LEU A 193 -7.98 8.98 -26.64
N TYR A 194 -8.28 7.81 -27.19
CA TYR A 194 -9.09 7.67 -28.39
C TYR A 194 -10.26 6.73 -28.10
N THR A 195 -11.13 6.55 -29.09
CA THR A 195 -12.21 5.59 -28.97
C THR A 195 -11.70 4.17 -29.17
N ALA A 196 -10.76 3.98 -30.08
CA ALA A 196 -10.06 2.72 -30.28
C ALA A 196 -8.57 2.95 -30.13
N ASN A 197 -7.82 1.86 -29.99
CA ASN A 197 -6.38 1.96 -29.81
C ASN A 197 -5.75 2.52 -31.08
N PRO A 198 -5.14 3.70 -31.05
CA PRO A 198 -4.56 4.25 -32.30
C PRO A 198 -3.46 3.38 -32.88
N LYS A 199 -2.72 2.66 -32.03
CA LYS A 199 -1.68 1.77 -32.55
C LYS A 199 -2.28 0.64 -33.39
N THR A 200 -3.38 0.05 -32.92
CA THR A 200 -3.95 -1.14 -33.52
C THR A 200 -5.28 -0.90 -34.20
N SER A 201 -5.72 0.36 -34.31
CA SER A 201 -6.97 0.69 -34.96
C SER A 201 -6.80 1.97 -35.78
N LYS A 202 -7.36 1.97 -36.98
CA LYS A 202 -7.21 3.09 -37.90
C LYS A 202 -8.30 4.15 -37.72
N ASP A 203 -9.52 3.73 -37.45
CA ASP A 203 -10.67 4.64 -37.37
C ASP A 203 -10.95 5.04 -35.91
N ALA A 204 -9.91 5.45 -35.20
CA ALA A 204 -10.05 5.89 -33.82
C ALA A 204 -10.28 7.40 -33.77
N THR A 205 -11.11 7.81 -32.82
CA THR A 205 -11.46 9.22 -32.65
C THR A 205 -10.89 9.76 -31.34
N PHE A 206 -10.31 10.95 -31.40
CA PHE A 206 -9.64 11.52 -30.24
C PHE A 206 -10.65 12.01 -29.20
N ILE A 207 -10.32 11.82 -27.94
CA ILE A 207 -11.16 12.24 -26.82
C ILE A 207 -10.43 13.28 -25.99
N PRO A 208 -10.79 14.57 -26.07
CA PRO A 208 -10.05 15.59 -25.30
C PRO A 208 -10.36 15.58 -23.81
N ARG A 209 -11.57 15.17 -23.43
CA ARG A 209 -11.99 15.23 -22.04
C ARG A 209 -13.04 14.15 -21.79
N ILE A 210 -12.98 13.54 -20.61
CA ILE A 210 -13.87 12.43 -20.28
C ILE A 210 -13.74 12.13 -18.79
N SER A 211 -14.80 11.58 -18.20
CA SER A 211 -14.80 11.20 -16.80
C SER A 211 -14.49 9.72 -16.64
N VAL A 212 -14.13 9.32 -15.42
CA VAL A 212 -13.84 7.93 -15.13
C VAL A 212 -15.04 7.05 -15.48
N ASP A 213 -16.24 7.48 -15.06
CA ASP A 213 -17.44 6.71 -15.35
C ASP A 213 -17.66 6.56 -16.86
N GLU A 214 -17.42 7.63 -17.61
CA GLU A 214 -17.59 7.57 -19.06
C GLU A 214 -16.58 6.63 -19.69
N MET A 215 -15.34 6.62 -19.19
CA MET A 215 -14.33 5.72 -19.74
C MET A 215 -14.74 4.26 -19.58
N LYS A 216 -15.21 3.88 -18.39
CA LYS A 216 -15.61 2.51 -18.15
C LYS A 216 -16.75 2.09 -19.05
N ALA A 217 -17.72 2.97 -19.25
CA ALA A 217 -18.85 2.65 -20.13
C ALA A 217 -18.40 2.44 -21.56
N LYS A 218 -17.40 3.19 -22.01
CA LYS A 218 -16.84 3.02 -23.35
C LYS A 218 -15.90 1.82 -23.45
N GLY A 219 -15.75 1.05 -22.37
CA GLY A 219 -14.78 -0.03 -22.37
C GLY A 219 -13.35 0.45 -22.45
N LEU A 220 -13.06 1.61 -21.89
CA LEU A 220 -11.73 2.22 -21.94
C LEU A 220 -11.07 2.30 -20.58
N HIS A 221 -11.43 1.39 -19.67
CA HIS A 221 -10.90 1.46 -18.31
C HIS A 221 -9.41 1.14 -18.24
N ASP A 222 -8.89 0.35 -19.20
CA ASP A 222 -7.48 -0.05 -19.24
C ASP A 222 -6.91 0.30 -20.61
N SER A 223 -6.73 1.59 -20.89
CA SER A 223 -6.27 2.02 -22.20
C SER A 223 -4.94 2.77 -22.12
N ILE A 224 -4.99 4.08 -21.85
CA ILE A 224 -3.79 4.89 -21.77
C ILE A 224 -3.27 5.01 -20.35
N LEU A 225 -4.05 4.61 -19.34
CA LEU A 225 -3.61 4.59 -17.96
C LEU A 225 -3.84 3.20 -17.38
N GLU A 226 -3.09 2.88 -16.33
CA GLU A 226 -3.34 1.67 -15.56
C GLU A 226 -4.70 1.78 -14.90
N PHE A 227 -5.57 0.79 -15.16
CA PHE A 227 -6.98 0.95 -14.77
C PHE A 227 -7.19 1.12 -13.27
N PRO A 228 -6.35 0.57 -12.36
CA PRO A 228 -6.57 0.85 -10.94
C PRO A 228 -6.46 2.32 -10.59
N VAL A 229 -5.73 3.11 -11.39
CA VAL A 229 -5.60 4.53 -11.12
C VAL A 229 -6.95 5.24 -11.24
N LEU A 230 -7.80 4.77 -12.16
CA LEU A 230 -9.12 5.38 -12.30
C LEU A 230 -9.90 5.32 -11.00
N ASP A 231 -9.82 4.19 -10.29
CA ASP A 231 -10.52 4.07 -9.01
C ASP A 231 -9.85 4.90 -7.94
N LEU A 232 -8.51 4.90 -7.89
CA LEU A 232 -7.80 5.78 -6.98
C LEU A 232 -8.17 7.24 -7.24
N LEU A 233 -8.40 7.59 -8.51
CA LEU A 233 -8.76 8.96 -8.85
C LEU A 233 -10.11 9.34 -8.26
N GLN A 234 -11.09 8.44 -8.34
CA GLN A 234 -12.43 8.74 -7.82
C GLN A 234 -12.44 8.83 -6.29
N SER A 235 -11.45 8.25 -5.62
CA SER A 235 -11.35 8.31 -4.17
C SER A 235 -10.39 9.40 -3.69
N ALA A 236 -9.79 10.16 -4.61
CA ALA A 236 -8.76 11.12 -4.24
C ALA A 236 -9.37 12.32 -3.52
N GLN A 237 -8.59 12.88 -2.59
CA GLN A 237 -9.00 14.07 -1.85
C GLN A 237 -8.49 15.35 -2.49
N HIS A 238 -7.33 15.31 -3.15
CA HIS A 238 -6.65 16.51 -3.61
C HIS A 238 -6.55 16.59 -5.13
N VAL A 239 -6.14 15.52 -5.79
CA VAL A 239 -5.98 15.49 -7.24
C VAL A 239 -7.23 14.85 -7.81
N ARG A 240 -8.13 15.68 -8.35
CA ARG A 240 -9.41 15.21 -8.85
C ARG A 240 -9.45 15.07 -10.37
N GLU A 241 -8.35 15.38 -11.06
CA GLU A 241 -8.26 15.15 -12.50
C GLU A 241 -6.80 14.97 -12.87
N VAL A 242 -6.58 14.38 -14.05
CA VAL A 242 -5.24 14.11 -14.56
C VAL A 242 -5.21 14.46 -16.04
N GLN A 243 -3.99 14.57 -16.56
CA GLN A 243 -3.79 14.97 -17.95
C GLN A 243 -2.72 14.10 -18.58
N VAL A 244 -3.02 13.53 -19.74
CA VAL A 244 -2.11 12.66 -20.48
C VAL A 244 -1.70 13.38 -21.75
N VAL A 245 -0.39 13.50 -21.97
CA VAL A 245 0.17 14.25 -23.09
C VAL A 245 1.24 13.43 -23.78
N ASN A 246 1.57 13.84 -25.01
CA ASN A 246 2.57 13.16 -25.82
C ASN A 246 3.92 13.83 -25.59
N GLY A 247 4.86 13.10 -25.00
CA GLY A 247 6.18 13.64 -24.73
C GLY A 247 7.09 13.74 -25.92
N LEU A 248 6.74 13.08 -27.03
CA LEU A 248 7.56 13.15 -28.24
C LEU A 248 7.28 14.39 -29.07
N VAL A 249 6.29 15.19 -28.70
CA VAL A 249 6.01 16.46 -29.36
C VAL A 249 6.78 17.54 -28.60
N PRO A 250 7.75 18.22 -29.23
CA PRO A 250 8.53 19.23 -28.50
C PRO A 250 7.65 20.36 -28.00
N GLY A 251 7.74 20.65 -26.71
CA GLY A 251 6.99 21.72 -26.09
C GLY A 251 5.66 21.31 -25.51
N ASN A 252 5.23 20.06 -25.71
CA ASN A 252 3.93 19.63 -25.20
C ASN A 252 3.88 19.75 -23.68
N LEU A 253 4.94 19.29 -23.00
CA LEU A 253 4.96 19.37 -21.54
C LEU A 253 4.87 20.82 -21.08
N THR A 254 5.67 21.71 -21.68
CA THR A 254 5.65 23.11 -21.27
C THR A 254 4.27 23.73 -21.45
N ARG A 255 3.62 23.43 -22.57
CA ARG A 255 2.30 24.01 -22.83
C ARG A 255 1.26 23.47 -21.86
N ALA A 256 1.41 22.23 -21.40
CA ALA A 256 0.49 21.71 -20.39
C ALA A 256 0.66 22.42 -19.06
N LEU A 257 1.92 22.72 -18.69
CA LEU A 257 2.17 23.46 -17.47
C LEU A 257 1.66 24.90 -17.55
N ALA A 258 1.43 25.42 -18.75
CA ALA A 258 0.91 26.76 -18.94
C ALA A 258 -0.61 26.81 -18.96
N GLY A 259 -1.27 25.66 -18.89
CA GLY A 259 -2.72 25.61 -18.90
C GLY A 259 -3.35 25.34 -20.24
N GLU A 260 -2.56 25.07 -21.27
CA GLU A 260 -3.11 24.76 -22.58
C GLU A 260 -3.69 23.35 -22.59
N HIS A 261 -4.80 23.18 -23.32
CA HIS A 261 -5.54 21.92 -23.31
C HIS A 261 -4.99 20.96 -24.38
N VAL A 262 -3.72 20.62 -24.23
CA VAL A 262 -3.11 19.58 -25.05
C VAL A 262 -3.35 18.24 -24.39
N GLY A 263 -3.54 17.21 -25.20
CA GLY A 263 -3.76 15.88 -24.67
C GLY A 263 -5.20 15.67 -24.20
N THR A 264 -5.34 14.73 -23.28
CA THR A 264 -6.64 14.34 -22.74
C THR A 264 -6.67 14.61 -21.24
N ILE A 265 -7.82 15.09 -20.76
CA ILE A 265 -8.06 15.32 -19.35
C ILE A 265 -9.07 14.30 -18.87
N ILE A 266 -8.73 13.57 -17.81
CA ILE A 266 -9.60 12.56 -17.22
C ILE A 266 -10.03 13.06 -15.85
N THR A 267 -11.34 13.23 -15.67
CA THR A 267 -11.88 13.78 -14.43
C THR A 267 -12.46 12.67 -13.57
N ALA A 268 -12.35 12.84 -12.26
CA ALA A 268 -12.89 11.85 -11.32
C ALA A 268 -14.40 11.75 -11.45
N SER A 269 -15.07 12.87 -11.68
CA SER A 269 -16.53 12.88 -11.80
C SER A 269 -16.97 13.82 -12.92
N LYS B 31 -2.88 -21.65 -13.41
CA LYS B 31 -2.49 -22.15 -12.10
C LYS B 31 -2.07 -21.01 -11.19
N ARG B 32 -1.81 -21.35 -9.93
CA ARG B 32 -1.43 -20.37 -8.92
C ARG B 32 0.08 -20.18 -8.91
N PRO B 33 0.58 -19.11 -8.28
CA PRO B 33 2.00 -19.03 -8.01
C PRO B 33 2.44 -20.12 -7.05
N ILE B 34 3.74 -20.44 -7.09
CA ILE B 34 4.26 -21.48 -6.20
C ILE B 34 4.23 -20.99 -4.76
N ARG B 35 4.35 -21.94 -3.83
CA ARG B 35 4.47 -21.64 -2.42
C ARG B 35 5.96 -21.47 -2.07
N LEU B 36 6.34 -20.26 -1.69
CA LEU B 36 7.75 -19.98 -1.41
C LEU B 36 8.20 -20.66 -0.12
N LEU B 37 7.42 -20.52 0.95
CA LEU B 37 7.75 -21.06 2.27
C LEU B 37 6.55 -21.84 2.78
N PRO B 38 6.32 -23.05 2.25
CA PRO B 38 5.12 -23.80 2.64
C PRO B 38 5.12 -24.31 4.07
N TRP B 39 6.27 -24.31 4.75
CA TRP B 39 6.37 -24.79 6.12
C TRP B 39 6.28 -23.68 7.15
N LEU B 40 5.95 -22.46 6.73
CA LEU B 40 5.88 -21.31 7.63
C LEU B 40 4.51 -21.21 8.27
N GLN B 41 4.50 -20.86 9.56
CA GLN B 41 3.29 -20.48 10.28
C GLN B 41 3.43 -19.04 10.75
N VAL B 42 2.43 -18.22 10.48
CA VAL B 42 2.46 -16.80 10.79
C VAL B 42 1.45 -16.53 11.90
N VAL B 43 1.86 -15.76 12.90
CA VAL B 43 1.00 -15.39 14.03
C VAL B 43 1.01 -13.87 14.14
N LYS B 44 -0.18 -13.27 14.23
CA LYS B 44 -0.33 -11.83 14.36
C LYS B 44 -0.86 -11.52 15.75
N ILE B 45 -0.13 -10.71 16.50
CA ILE B 45 -0.49 -10.33 17.87
C ILE B 45 -1.14 -8.96 17.83
N GLY B 46 -2.34 -8.85 18.40
CA GLY B 46 -3.04 -7.59 18.39
C GLY B 46 -2.34 -6.54 19.24
N GLY B 47 -2.33 -5.30 18.74
CA GLY B 47 -1.69 -4.23 19.47
C GLY B 47 -2.33 -3.97 20.82
N ARG B 48 -3.67 -4.09 20.90
CA ARG B 48 -4.37 -3.87 22.16
C ARG B 48 -4.20 -5.02 23.13
N VAL B 49 -3.70 -6.17 22.67
CA VAL B 49 -3.27 -7.23 23.60
C VAL B 49 -2.01 -6.79 24.32
N MET B 50 -1.05 -6.22 23.58
CA MET B 50 0.17 -5.73 24.19
C MET B 50 -0.11 -4.57 25.14
N ASP B 51 -1.11 -3.74 24.82
CA ASP B 51 -1.43 -2.60 25.67
C ASP B 51 -1.84 -3.02 27.07
N ARG B 52 -2.27 -4.28 27.26
CA ARG B 52 -2.69 -4.73 28.58
C ARG B 52 -1.53 -4.91 29.54
N GLY B 53 -0.31 -4.97 29.03
CA GLY B 53 0.86 -5.02 29.89
C GLY B 53 1.26 -6.44 30.26
N ALA B 54 2.05 -6.52 31.33
CA ALA B 54 2.61 -7.80 31.77
C ALA B 54 1.54 -8.83 32.06
N ASP B 55 0.35 -8.38 32.49
CA ASP B 55 -0.72 -9.33 32.81
C ASP B 55 -1.02 -10.24 31.63
N ALA B 56 -0.93 -9.72 30.41
CA ALA B 56 -1.22 -10.48 29.21
C ALA B 56 0.02 -10.93 28.46
N ILE B 57 1.11 -10.16 28.54
CA ILE B 57 2.30 -10.49 27.75
C ILE B 57 3.04 -11.68 28.34
N LEU B 58 3.10 -11.77 29.68
CA LEU B 58 3.87 -12.86 30.29
C LEU B 58 3.24 -14.23 30.00
N PRO B 59 1.93 -14.44 30.19
CA PRO B 59 1.36 -15.72 29.77
C PRO B 59 1.55 -15.99 28.28
N LEU B 60 1.44 -14.94 27.46
CA LEU B 60 1.67 -15.10 26.03
C LEU B 60 3.10 -15.52 25.74
N VAL B 61 4.07 -14.89 26.39
CA VAL B 61 5.47 -15.22 26.16
C VAL B 61 5.75 -16.66 26.57
N GLU B 62 5.11 -17.13 27.65
CA GLU B 62 5.32 -18.50 28.09
C GLU B 62 4.76 -19.49 27.08
N GLU B 63 3.62 -19.18 26.47
CA GLU B 63 3.03 -20.07 25.48
C GLU B 63 3.86 -20.11 24.20
N LEU B 64 4.43 -18.96 23.80
CA LEU B 64 5.26 -18.93 22.61
C LEU B 64 6.56 -19.69 22.82
N ARG B 65 7.14 -19.59 24.02
CA ARG B 65 8.35 -20.35 24.32
C ARG B 65 8.13 -21.84 24.06
N LYS B 66 6.99 -22.37 24.51
CA LYS B 66 6.71 -23.79 24.35
C LYS B 66 6.38 -24.15 22.90
N LEU B 67 6.00 -23.18 22.09
CA LEU B 67 5.69 -23.43 20.68
C LEU B 67 6.94 -23.42 19.80
N LEU B 68 8.04 -22.85 20.25
CA LEU B 68 9.23 -22.74 19.41
C LEU B 68 9.70 -24.06 18.83
N PRO B 69 9.75 -25.17 19.59
CA PRO B 69 10.21 -26.43 19.00
C PRO B 69 9.19 -27.07 18.05
N GLU B 70 7.96 -26.58 18.01
CA GLU B 70 6.90 -27.23 17.27
C GLU B 70 6.65 -26.62 15.90
N HIS B 71 6.95 -25.34 15.70
CA HIS B 71 6.64 -24.66 14.45
C HIS B 71 7.80 -23.77 14.02
N ARG B 72 7.73 -23.31 12.78
CA ARG B 72 8.65 -22.31 12.24
C ARG B 72 7.84 -21.01 12.17
N LEU B 73 8.04 -20.13 13.14
CA LEU B 73 7.10 -19.05 13.42
C LEU B 73 7.63 -17.70 12.94
N LEU B 74 6.76 -16.94 12.28
CA LEU B 74 6.94 -15.51 12.05
C LEU B 74 5.87 -14.79 12.86
N ILE B 75 6.30 -14.07 13.89
CA ILE B 75 5.40 -13.37 14.79
C ILE B 75 5.34 -11.90 14.41
N LEU B 76 4.14 -11.40 14.17
CA LEU B 76 3.93 -10.02 13.74
C LEU B 76 3.04 -9.31 14.74
N THR B 77 3.39 -8.08 15.08
CA THR B 77 2.70 -7.31 16.12
C THR B 77 1.96 -6.13 15.50
N GLY B 78 0.81 -5.80 16.11
CA GLY B 78 0.03 -4.65 15.71
C GLY B 78 0.40 -3.41 16.50
N ALA B 79 -0.38 -2.34 16.28
CA ALA B 79 -0.04 -1.03 16.81
C ALA B 79 -0.65 -0.81 18.20
N GLY B 80 -1.96 -0.63 18.25
CA GLY B 80 -2.65 -0.44 19.51
C GLY B 80 -3.06 1.00 19.77
N VAL B 81 -3.24 1.30 21.06
CA VAL B 81 -3.82 2.58 21.45
C VAL B 81 -2.91 3.75 21.08
N ARG B 82 -1.59 3.54 21.11
CA ARG B 82 -0.68 4.63 20.79
C ARG B 82 -0.89 5.15 19.37
N ALA B 83 -1.38 4.29 18.46
CA ALA B 83 -1.66 4.73 17.10
C ALA B 83 -2.93 5.58 17.05
N ARG B 84 -3.87 5.36 17.97
CA ARG B 84 -5.04 6.22 18.03
C ARG B 84 -4.66 7.62 18.50
N HIS B 85 -3.64 7.73 19.35
CA HIS B 85 -3.21 9.04 19.83
C HIS B 85 -2.53 9.84 18.72
N VAL B 86 -1.72 9.19 17.89
CA VAL B 86 -1.08 9.90 16.79
C VAL B 86 -2.11 10.29 15.74
N PHE B 87 -3.15 9.46 15.56
CA PHE B 87 -4.27 9.88 14.72
C PHE B 87 -4.97 11.10 15.31
N SER B 88 -5.20 11.09 16.62
CA SER B 88 -5.81 12.24 17.27
C SER B 88 -5.01 13.51 17.02
N VAL B 89 -3.69 13.44 17.16
CA VAL B 89 -2.85 14.60 16.93
C VAL B 89 -2.76 14.89 15.43
N GLY B 90 -2.47 13.87 14.63
CA GLY B 90 -2.30 14.08 13.21
C GLY B 90 -3.55 14.64 12.55
N LEU B 91 -4.72 14.08 12.89
CA LEU B 91 -5.97 14.59 12.33
C LEU B 91 -6.22 16.02 12.76
N ASP B 92 -5.91 16.36 14.01
CA ASP B 92 -6.08 17.73 14.47
C ASP B 92 -5.16 18.68 13.72
N LEU B 93 -4.00 18.19 13.27
CA LEU B 93 -3.11 18.98 12.43
C LEU B 93 -3.50 18.94 10.97
N GLY B 94 -4.51 18.16 10.60
CA GLY B 94 -4.97 18.11 9.23
C GLY B 94 -4.12 17.28 8.29
N LEU B 95 -3.30 16.38 8.82
CA LEU B 95 -2.38 15.62 7.98
C LEU B 95 -3.16 14.58 7.16
N PRO B 96 -2.71 14.31 5.94
CA PRO B 96 -3.40 13.34 5.09
C PRO B 96 -3.18 11.91 5.56
N VAL B 97 -3.98 11.00 5.01
CA VAL B 97 -3.89 9.59 5.41
C VAL B 97 -2.53 9.02 5.05
N GLY B 98 -1.88 9.55 4.01
CA GLY B 98 -0.54 9.10 3.67
C GLY B 98 0.49 9.44 4.72
N SER B 99 0.24 10.50 5.50
CA SER B 99 1.16 10.86 6.57
C SER B 99 0.92 10.04 7.83
N LEU B 100 -0.34 9.71 8.12
CA LEU B 100 -0.66 8.98 9.34
C LEU B 100 -0.29 7.51 9.25
N ALA B 101 -0.32 6.93 8.05
CA ALA B 101 -0.02 5.51 7.89
C ALA B 101 1.33 5.13 8.49
N PRO B 102 2.44 5.72 8.05
CA PRO B 102 3.73 5.31 8.60
C PRO B 102 3.92 5.69 10.07
N LEU B 103 3.28 6.76 10.53
CA LEU B 103 3.39 7.13 11.93
C LEU B 103 2.79 6.06 12.83
N ALA B 104 1.66 5.47 12.42
CA ALA B 104 1.06 4.38 13.19
C ALA B 104 1.92 3.12 13.12
N ALA B 105 2.59 2.90 11.99
CA ALA B 105 3.43 1.71 11.84
C ALA B 105 4.51 1.67 12.91
N SER B 106 5.07 2.82 13.27
CA SER B 106 6.13 2.87 14.26
C SER B 106 5.70 2.21 15.56
N GLU B 107 4.45 2.41 15.97
CA GLU B 107 3.98 1.83 17.22
C GLU B 107 3.95 0.31 17.16
N ALA B 108 3.62 -0.25 16.00
CA ALA B 108 3.65 -1.71 15.86
C ALA B 108 5.08 -2.24 15.93
N GLY B 109 6.03 -1.51 15.34
CA GLY B 109 7.42 -1.92 15.46
C GLY B 109 7.92 -1.90 16.89
N GLN B 110 7.52 -0.88 17.66
CA GLN B 110 7.94 -0.81 19.05
C GLN B 110 7.36 -1.96 19.86
N ASN B 111 6.11 -2.34 19.57
CA ASN B 111 5.52 -3.51 20.22
C ASN B 111 6.31 -4.78 19.88
N GLY B 112 6.82 -4.86 18.66
CA GLY B 112 7.61 -6.02 18.28
C GLY B 112 8.93 -6.09 19.01
N HIS B 113 9.55 -4.93 19.25
CA HIS B 113 10.80 -4.90 20.01
C HIS B 113 10.58 -5.34 21.45
N ILE B 114 9.47 -4.93 22.06
CA ILE B 114 9.18 -5.34 23.44
C ILE B 114 9.00 -6.85 23.51
N LEU B 115 8.19 -7.40 22.60
CA LEU B 115 7.91 -8.83 22.63
C LEU B 115 9.17 -9.63 22.36
N ALA B 116 9.93 -9.25 21.34
CA ALA B 116 11.16 -9.96 21.02
C ALA B 116 12.14 -9.93 22.19
N ALA B 117 12.20 -8.81 22.92
CA ALA B 117 13.12 -8.70 24.04
C ALA B 117 12.81 -9.76 25.10
N MET B 118 11.51 -10.02 25.34
CA MET B 118 11.12 -11.01 26.35
C MET B 118 11.52 -12.42 25.93
N LEU B 119 11.78 -12.66 24.66
CA LEU B 119 12.13 -13.99 24.14
C LEU B 119 13.58 -14.08 23.70
N ALA B 120 14.41 -13.09 24.02
CA ALA B 120 15.79 -13.09 23.55
C ALA B 120 16.56 -14.28 24.10
N SER B 121 16.30 -14.66 25.35
CA SER B 121 17.01 -15.78 25.95
C SER B 121 16.78 -17.07 25.18
N GLU B 122 15.65 -17.18 24.48
CA GLU B 122 15.35 -18.34 23.67
C GLU B 122 15.84 -18.22 22.24
N GLY B 123 16.53 -17.13 21.90
CA GLY B 123 17.11 -16.97 20.58
C GLY B 123 16.28 -16.18 19.59
N VAL B 124 15.27 -15.45 20.04
CA VAL B 124 14.38 -14.69 19.16
C VAL B 124 14.79 -13.23 19.18
N SER B 125 14.70 -12.57 18.03
CA SER B 125 14.97 -11.15 17.92
C SER B 125 14.06 -10.53 16.88
N TYR B 126 14.03 -9.20 16.89
CA TYR B 126 13.25 -8.43 15.92
C TYR B 126 14.01 -8.29 14.61
N VAL B 127 13.29 -8.39 13.49
CA VAL B 127 13.87 -8.23 12.16
C VAL B 127 13.08 -7.19 11.40
N GLU B 128 13.77 -6.46 10.52
CA GLU B 128 13.17 -5.34 9.80
C GLU B 128 12.42 -5.83 8.57
N HIS B 129 11.57 -4.96 8.03
CA HIS B 129 10.77 -5.33 6.86
C HIS B 129 11.61 -5.83 5.69
N PRO B 130 12.77 -5.24 5.36
CA PRO B 130 13.56 -5.80 4.25
C PRO B 130 14.03 -7.22 4.51
N THR B 131 14.38 -7.53 5.76
CA THR B 131 14.82 -8.89 6.07
C THR B 131 13.67 -9.87 5.97
N VAL B 132 12.47 -9.47 6.38
CA VAL B 132 11.30 -10.34 6.24
C VAL B 132 11.03 -10.61 4.76
N ALA B 133 11.07 -9.57 3.93
CA ALA B 133 10.68 -9.71 2.53
C ALA B 133 11.65 -10.60 1.76
N ASP B 134 12.95 -10.53 2.06
CA ASP B 134 13.97 -11.12 1.21
C ASP B 134 14.86 -12.17 1.86
N GLN B 135 14.86 -12.30 3.18
CA GLN B 135 15.81 -13.18 3.85
C GLN B 135 15.18 -14.01 4.96
N LEU B 136 13.86 -14.16 4.96
CA LEU B 136 13.21 -14.92 6.03
C LEU B 136 13.71 -16.36 6.06
N ALA B 137 14.10 -16.91 4.91
CA ALA B 137 14.53 -18.30 4.86
C ALA B 137 15.80 -18.52 5.68
N ILE B 138 16.78 -17.63 5.54
CA ILE B 138 18.03 -17.77 6.28
C ILE B 138 17.78 -17.60 7.78
N HIS B 139 16.98 -16.60 8.16
CA HIS B 139 16.83 -16.29 9.57
C HIS B 139 16.06 -17.37 10.32
N LEU B 140 15.12 -18.05 9.65
CA LEU B 140 14.45 -19.18 10.28
C LEU B 140 15.28 -20.46 10.19
N SER B 141 16.39 -20.45 9.45
CA SER B 141 17.37 -21.51 9.56
C SER B 141 18.33 -21.27 10.71
N ALA B 142 18.57 -20.01 11.06
CA ALA B 142 19.46 -19.68 12.15
C ALA B 142 18.79 -19.87 13.51
N THR B 143 17.52 -19.52 13.61
CA THR B 143 16.78 -19.65 14.86
C THR B 143 15.36 -20.14 14.57
N ARG B 144 14.63 -20.41 15.65
CA ARG B 144 13.30 -21.02 15.52
CA ARG B 144 13.30 -21.01 15.53
C ARG B 144 12.23 -20.01 15.16
N ALA B 145 12.34 -18.77 15.63
CA ALA B 145 11.30 -17.79 15.39
C ALA B 145 11.91 -16.38 15.39
N VAL B 146 11.19 -15.47 14.74
CA VAL B 146 11.58 -14.06 14.68
C VAL B 146 10.33 -13.21 14.80
N VAL B 147 10.54 -11.94 15.14
CA VAL B 147 9.45 -10.99 15.35
C VAL B 147 9.61 -9.84 14.36
N GLY B 148 8.47 -9.31 13.92
CA GLY B 148 8.47 -8.20 12.98
C GLY B 148 7.21 -7.38 13.12
N SER B 149 7.18 -6.26 12.38
CA SER B 149 6.03 -5.38 12.39
C SER B 149 4.99 -5.86 11.40
N ALA B 150 3.73 -5.93 11.84
CA ALA B 150 2.64 -6.40 10.99
C ALA B 150 2.20 -5.36 9.98
N PHE B 151 2.57 -4.10 10.16
CA PHE B 151 2.15 -3.06 9.23
C PHE B 151 2.89 -3.21 7.90
N PRO B 152 2.20 -3.04 6.78
CA PRO B 152 2.89 -3.14 5.48
C PRO B 152 3.47 -1.80 5.07
N PRO B 153 4.47 -1.81 4.17
CA PRO B 153 5.09 -0.55 3.74
C PRO B 153 4.31 0.16 2.64
N TYR B 154 3.09 0.58 2.96
CA TYR B 154 2.32 1.45 2.07
C TYR B 154 2.66 2.91 2.29
N HIS B 155 2.92 3.30 3.54
CA HIS B 155 3.53 4.58 3.85
C HIS B 155 2.81 5.74 3.16
N HIS B 156 3.55 6.68 2.58
CA HIS B 156 2.93 7.84 1.94
C HIS B 156 2.28 7.50 0.61
N HIS B 157 2.27 6.22 0.20
CA HIS B 157 1.51 5.77 -0.96
C HIS B 157 0.25 5.04 -0.56
N GLU B 158 -0.28 5.32 0.63
CA GLU B 158 -1.53 4.73 1.08
C GLU B 158 -2.68 5.22 0.20
N PHE B 159 -3.71 4.38 0.09
CA PHE B 159 -4.86 4.74 -0.75
C PHE B 159 -5.62 5.91 -0.13
N PRO B 160 -6.19 6.79 -0.94
CA PRO B 160 -7.04 7.85 -0.41
C PRO B 160 -8.47 7.38 -0.22
N GLY B 161 -9.28 8.26 0.37
CA GLY B 161 -10.67 7.96 0.65
C GLY B 161 -11.01 8.18 2.11
N SER B 162 -10.63 7.23 2.96
CA SER B 162 -10.78 7.37 4.40
C SER B 162 -9.59 8.12 4.97
N ARG B 163 -9.87 8.95 5.98
CA ARG B 163 -8.79 9.63 6.70
C ARG B 163 -8.05 8.70 7.66
N ILE B 164 -8.52 7.47 7.82
CA ILE B 164 -7.86 6.47 8.65
C ILE B 164 -7.16 5.48 7.72
N PRO B 165 -5.86 5.24 7.88
CA PRO B 165 -5.15 4.31 6.98
C PRO B 165 -5.83 2.96 6.92
N PRO B 166 -6.21 2.49 5.72
CA PRO B 166 -6.91 1.19 5.62
C PRO B 166 -6.03 -0.03 5.76
N HIS B 167 -4.80 0.01 5.21
CA HIS B 167 -3.92 -1.17 5.21
C HIS B 167 -3.17 -1.19 6.54
N ARG B 168 -3.75 -1.88 7.53
CA ARG B 168 -3.22 -1.91 8.89
C ARG B 168 -2.62 -3.29 9.16
N ALA B 169 -2.56 -3.68 10.44
CA ALA B 169 -1.76 -4.83 10.84
C ALA B 169 -2.35 -6.15 10.33
N ASP B 170 -3.66 -6.33 10.46
CA ASP B 170 -4.28 -7.56 9.97
C ASP B 170 -4.03 -7.73 8.48
N THR B 171 -4.17 -6.65 7.70
CA THR B 171 -3.97 -6.71 6.26
C THR B 171 -2.52 -7.04 5.92
N GLY B 172 -1.57 -6.38 6.58
CA GLY B 172 -0.17 -6.62 6.29
C GLY B 172 0.25 -8.05 6.56
N ALA B 173 -0.26 -8.64 7.65
CA ALA B 173 0.12 -10.00 7.99
C ALA B 173 -0.39 -11.00 6.96
N PHE B 174 -1.62 -10.81 6.48
CA PHE B 174 -2.18 -11.74 5.51
C PHE B 174 -1.52 -11.60 4.14
N LEU B 175 -1.20 -10.36 3.74
CA LEU B 175 -0.49 -10.16 2.48
C LEU B 175 0.81 -10.93 2.47
N LEU B 176 1.57 -10.88 3.57
CA LEU B 176 2.81 -11.65 3.66
C LEU B 176 2.54 -13.14 3.66
N ALA B 177 1.64 -13.59 4.54
CA ALA B 177 1.40 -15.02 4.68
C ALA B 177 0.97 -15.65 3.36
N ASP B 178 0.12 -14.95 2.60
CA ASP B 178 -0.38 -15.49 1.33
C ASP B 178 0.68 -15.40 0.24
N ALA B 179 1.46 -14.32 0.22
CA ALA B 179 2.52 -14.20 -0.77
C ALA B 179 3.57 -15.30 -0.59
N PHE B 180 3.87 -15.65 0.66
CA PHE B 180 4.80 -16.74 0.94
C PHE B 180 4.18 -18.11 0.73
N GLY B 181 2.85 -18.20 0.67
CA GLY B 181 2.19 -19.50 0.63
C GLY B 181 2.34 -20.27 1.91
N ALA B 182 2.26 -19.57 3.06
CA ALA B 182 2.47 -20.22 4.34
C ALA B 182 1.37 -21.23 4.63
N ALA B 183 1.60 -22.02 5.69
CA ALA B 183 0.62 -23.03 6.08
C ALA B 183 -0.63 -22.43 6.71
N GLY B 184 -0.53 -21.23 7.26
CA GLY B 184 -1.70 -20.59 7.84
C GLY B 184 -1.33 -19.28 8.49
N LEU B 185 -2.37 -18.55 8.88
CA LEU B 185 -2.24 -17.30 9.62
C LEU B 185 -3.24 -17.31 10.76
N THR B 186 -2.76 -17.05 11.98
CA THR B 186 -3.61 -17.02 13.16
C THR B 186 -3.56 -15.63 13.76
N ILE B 187 -4.73 -15.04 14.00
CA ILE B 187 -4.85 -13.70 14.56
C ILE B 187 -5.21 -13.82 16.03
N VAL B 188 -4.41 -13.19 16.89
CA VAL B 188 -4.58 -13.27 18.33
C VAL B 188 -5.19 -11.96 18.80
N GLU B 189 -6.39 -12.04 19.39
CA GLU B 189 -7.16 -10.88 19.80
C GLU B 189 -7.35 -10.89 21.32
N ASN B 190 -8.03 -9.85 21.80
CA ASN B 190 -8.42 -9.76 23.21
C ASN B 190 -9.87 -10.21 23.44
N VAL B 191 -10.47 -10.88 22.47
CA VAL B 191 -11.83 -11.42 22.58
C VAL B 191 -11.85 -12.81 21.96
N ASP B 192 -12.97 -13.50 22.13
CA ASP B 192 -13.08 -14.88 21.67
C ASP B 192 -13.15 -14.97 20.15
N GLY B 193 -13.66 -13.94 19.49
CA GLY B 193 -13.77 -13.98 18.04
C GLY B 193 -14.59 -12.82 17.52
N ILE B 194 -15.25 -13.06 16.39
CA ILE B 194 -16.10 -12.05 15.75
C ILE B 194 -17.53 -12.26 16.20
N TYR B 195 -18.19 -11.18 16.60
CA TYR B 195 -19.59 -11.19 17.01
C TYR B 195 -20.43 -10.42 15.98
N THR B 196 -21.75 -10.43 16.19
CA THR B 196 -22.63 -9.66 15.33
C THR B 196 -22.62 -8.17 15.66
N ALA B 197 -22.02 -7.79 16.79
CA ALA B 197 -21.87 -6.39 17.16
C ALA B 197 -20.67 -6.28 18.09
N ASP B 198 -20.31 -5.06 18.42
CA ASP B 198 -19.17 -4.82 19.30
C ASP B 198 -19.47 -5.37 20.69
N PRO B 199 -18.80 -6.42 21.16
CA PRO B 199 -19.10 -6.94 22.50
C PRO B 199 -18.70 -6.01 23.63
N ASN B 200 -17.96 -4.93 23.34
CA ASN B 200 -17.58 -3.94 24.34
C ASN B 200 -18.10 -2.55 23.96
N GLY B 201 -19.16 -2.49 23.17
CA GLY B 201 -19.69 -1.23 22.70
C GLY B 201 -21.11 -0.97 23.18
N PRO B 202 -21.77 0.02 22.58
CA PRO B 202 -23.12 0.38 23.04
C PRO B 202 -24.14 -0.74 22.86
N ASP B 203 -24.06 -1.48 21.75
CA ASP B 203 -25.03 -2.52 21.44
C ASP B 203 -24.54 -3.92 21.82
N ARG B 204 -23.77 -4.02 22.90
CA ARG B 204 -23.19 -5.31 23.29
C ARG B 204 -24.25 -6.31 23.73
N GLY B 205 -25.49 -5.89 23.96
CA GLY B 205 -26.53 -6.82 24.37
C GLY B 205 -26.99 -7.72 23.23
N GLN B 206 -26.84 -7.28 22.00
CA GLN B 206 -27.29 -8.02 20.83
C GLN B 206 -26.16 -8.81 20.16
N ALA B 207 -24.95 -8.75 20.70
CA ALA B 207 -23.81 -9.41 20.08
C ALA B 207 -23.97 -10.92 20.15
N ARG B 208 -23.83 -11.59 19.00
CA ARG B 208 -23.90 -13.04 18.91
C ARG B 208 -22.59 -13.56 18.33
N PHE B 209 -21.99 -14.53 19.01
CA PHE B 209 -20.70 -15.07 18.57
C PHE B 209 -20.86 -15.84 17.27
N LEU B 210 -19.84 -15.74 16.41
CA LEU B 210 -19.83 -16.39 15.11
C LEU B 210 -18.68 -17.40 15.06
N PRO B 211 -18.96 -18.70 15.24
CA PRO B 211 -17.86 -19.67 15.18
C PRO B 211 -17.19 -19.76 13.82
N GLU B 212 -17.92 -19.53 12.73
CA GLU B 212 -17.37 -19.64 11.40
C GLU B 212 -18.09 -18.67 10.47
N THR B 213 -17.34 -18.11 9.52
CA THR B 213 -17.90 -17.14 8.59
C THR B 213 -16.99 -17.08 7.36
N SER B 214 -17.49 -16.43 6.32
CA SER B 214 -16.74 -16.22 5.08
C SER B 214 -16.39 -14.75 4.93
N ALA B 215 -15.26 -14.48 4.28
CA ALA B 215 -14.83 -13.10 4.06
C ALA B 215 -15.88 -12.32 3.27
N THR B 216 -16.56 -12.97 2.34
CA THR B 216 -17.58 -12.27 1.55
C THR B 216 -18.77 -11.89 2.41
N ASP B 217 -19.24 -12.80 3.26
CA ASP B 217 -20.35 -12.48 4.14
C ASP B 217 -20.02 -11.29 5.04
N LEU B 218 -18.80 -11.27 5.60
CA LEU B 218 -18.40 -10.17 6.47
C LEU B 218 -18.33 -8.86 5.69
N ALA B 219 -17.81 -8.90 4.47
CA ALA B 219 -17.64 -7.68 3.68
C ALA B 219 -18.98 -7.02 3.37
N LYS B 220 -20.09 -7.75 3.47
CA LYS B 220 -21.41 -7.22 3.16
C LYS B 220 -22.15 -6.70 4.39
N SER B 221 -21.57 -6.85 5.58
CA SER B 221 -22.15 -6.25 6.78
C SER B 221 -21.52 -4.88 7.03
N GLU B 222 -22.25 -4.05 7.78
CA GLU B 222 -21.89 -2.64 7.94
C GLU B 222 -21.24 -2.32 9.28
N GLY B 223 -21.66 -2.98 10.36
CA GLY B 223 -21.16 -2.66 11.68
C GLY B 223 -19.67 -2.85 11.82
N PRO B 224 -19.14 -2.54 13.00
CA PRO B 224 -17.69 -2.68 13.23
C PRO B 224 -17.27 -4.15 13.26
N LEU B 225 -15.96 -4.35 13.27
CA LEU B 225 -15.36 -5.68 13.30
C LEU B 225 -14.07 -5.62 14.08
N PRO B 226 -13.53 -6.76 14.50
CA PRO B 226 -12.22 -6.78 15.15
C PRO B 226 -11.04 -6.91 14.20
N VAL B 227 -11.29 -6.98 12.89
CA VAL B 227 -10.23 -7.09 11.89
C VAL B 227 -10.45 -6.01 10.83
N ASP B 228 -9.37 -5.58 10.20
CA ASP B 228 -9.45 -4.57 9.16
C ASP B 228 -10.44 -5.00 8.09
N ARG B 229 -11.20 -4.03 7.57
CA ARG B 229 -12.06 -4.31 6.43
C ARG B 229 -11.26 -4.55 5.17
N ALA B 230 -10.03 -4.02 5.08
CA ALA B 230 -9.17 -4.31 3.95
C ALA B 230 -8.73 -5.77 3.94
N LEU B 231 -8.70 -6.41 5.11
CA LEU B 231 -8.36 -7.83 5.17
C LEU B 231 -9.31 -8.66 4.32
N LEU B 232 -10.59 -8.31 4.32
CA LEU B 232 -11.57 -9.08 3.55
C LEU B 232 -11.37 -8.91 2.06
N ASP B 233 -10.88 -7.75 1.62
CA ASP B 233 -10.63 -7.52 0.20
C ASP B 233 -9.48 -8.39 -0.30
N VAL B 234 -8.36 -8.39 0.42
CA VAL B 234 -7.20 -9.17 0.00
C VAL B 234 -7.51 -10.67 0.09
N MET B 235 -8.41 -11.05 0.99
CA MET B 235 -8.84 -12.45 1.05
C MET B 235 -9.58 -12.87 -0.22
N ALA B 236 -10.33 -11.94 -0.82
CA ALA B 236 -11.07 -12.27 -2.04
C ALA B 236 -10.12 -12.61 -3.18
N THR B 237 -8.90 -12.10 -3.15
CA THR B 237 -7.90 -12.38 -4.18
C THR B 237 -6.79 -13.29 -3.66
N ALA B 238 -7.03 -13.98 -2.53
CA ALA B 238 -6.00 -14.83 -1.95
C ALA B 238 -5.61 -15.95 -2.91
N ARG B 239 -4.36 -16.39 -2.82
CA ARG B 239 -3.83 -17.40 -3.70
C ARG B 239 -3.67 -18.76 -3.04
N HIS B 240 -3.46 -18.82 -1.73
CA HIS B 240 -3.13 -20.09 -1.07
C HIS B 240 -3.92 -20.29 0.22
N ILE B 241 -3.83 -19.33 1.14
CA ILE B 241 -4.46 -19.49 2.45
C ILE B 241 -5.96 -19.65 2.28
N GLU B 242 -6.51 -20.72 2.87
CA GLU B 242 -7.93 -21.02 2.77
C GLU B 242 -8.73 -20.51 3.95
N ARG B 243 -8.11 -20.35 5.13
CA ARG B 243 -8.84 -19.96 6.32
C ARG B 243 -7.92 -19.24 7.29
N VAL B 244 -8.49 -18.32 8.05
CA VAL B 244 -7.81 -17.59 9.10
C VAL B 244 -8.67 -17.66 10.35
N GLN B 245 -8.08 -18.08 11.47
CA GLN B 245 -8.80 -18.22 12.73
C GLN B 245 -8.43 -17.08 13.67
N VAL B 246 -9.44 -16.48 14.28
CA VAL B 246 -9.28 -15.41 15.25
C VAL B 246 -9.53 -16.01 16.64
N VAL B 247 -8.54 -15.92 17.53
CA VAL B 247 -8.61 -16.55 18.83
C VAL B 247 -8.20 -15.55 19.91
N ASN B 248 -8.57 -15.88 21.15
CA ASN B 248 -8.35 -15.00 22.29
C ASN B 248 -7.01 -15.33 22.93
N GLY B 249 -6.04 -14.42 22.78
CA GLY B 249 -4.75 -14.60 23.41
C GLY B 249 -4.75 -14.47 24.91
N LEU B 250 -5.84 -13.98 25.50
CA LEU B 250 -5.96 -13.87 26.95
C LEU B 250 -6.33 -15.20 27.60
N VAL B 251 -6.51 -16.26 26.82
CA VAL B 251 -6.79 -17.59 27.35
C VAL B 251 -5.63 -18.50 26.98
N PRO B 252 -4.76 -18.87 27.91
CA PRO B 252 -3.62 -19.73 27.56
C PRO B 252 -4.08 -21.03 26.92
N GLY B 253 -3.44 -21.39 25.80
CA GLY B 253 -3.67 -22.66 25.14
C GLY B 253 -4.40 -22.56 23.82
N ARG B 254 -5.11 -21.47 23.56
CA ARG B 254 -5.90 -21.37 22.35
C ARG B 254 -5.03 -21.12 21.12
N LEU B 255 -3.99 -20.30 21.26
CA LEU B 255 -3.02 -20.14 20.17
C LEU B 255 -2.40 -21.49 19.81
N THR B 256 -1.99 -22.25 20.83
CA THR B 256 -1.42 -23.57 20.58
C THR B 256 -2.41 -24.48 19.86
N ALA B 257 -3.68 -24.47 20.29
CA ALA B 257 -4.68 -25.32 19.68
C ALA B 257 -4.98 -24.87 18.25
N ALA B 258 -5.03 -23.55 18.02
CA ALA B 258 -5.34 -23.06 16.69
C ALA B 258 -4.24 -23.40 15.69
N LEU B 259 -2.98 -23.44 16.13
CA LEU B 259 -1.88 -23.80 15.23
C LEU B 259 -1.93 -25.25 14.80
N ARG B 260 -2.69 -26.09 15.51
CA ARG B 260 -2.91 -27.47 15.12
C ARG B 260 -4.23 -27.68 14.39
N GLY B 261 -4.93 -26.60 14.06
CA GLY B 261 -6.19 -26.69 13.35
C GLY B 261 -7.40 -26.90 14.22
N GLU B 262 -7.26 -26.80 15.54
CA GLU B 262 -8.39 -26.98 16.44
C GLU B 262 -9.26 -25.73 16.44
N HIS B 263 -10.58 -25.93 16.45
CA HIS B 263 -11.54 -24.85 16.38
C HIS B 263 -11.78 -24.31 17.79
N VAL B 264 -11.17 -23.16 18.09
CA VAL B 264 -11.28 -22.56 19.42
C VAL B 264 -11.60 -21.07 19.30
N GLY B 265 -11.95 -20.63 18.11
CA GLY B 265 -12.29 -19.24 17.88
C GLY B 265 -13.20 -19.10 16.69
N THR B 266 -13.05 -17.99 15.97
CA THR B 266 -13.82 -17.72 14.77
C THR B 266 -12.99 -18.05 13.54
N LEU B 267 -13.51 -18.91 12.67
CA LEU B 267 -12.87 -19.25 11.42
C LEU B 267 -13.39 -18.38 10.30
N ILE B 268 -12.48 -17.75 9.56
CA ILE B 268 -12.83 -16.91 8.41
C ILE B 268 -12.40 -17.65 7.15
N ARG B 269 -13.36 -18.00 6.31
CA ARG B 269 -13.07 -18.65 5.03
C ARG B 269 -12.74 -17.58 4.00
N THR B 270 -11.57 -17.67 3.38
CA THR B 270 -11.11 -16.63 2.46
C THR B 270 -11.75 -16.76 1.08
N GLY B 271 -12.10 -17.99 0.67
CA GLY B 271 -12.63 -18.25 -0.65
C GLY B 271 -11.75 -19.11 -1.52
N VAL B 272 -10.49 -19.33 -1.13
CA VAL B 272 -9.61 -20.20 -1.90
C VAL B 272 -10.04 -21.65 -1.73
N ARG B 273 -10.08 -22.38 -2.83
CA ARG B 273 -10.32 -23.81 -2.81
C ARG B 273 -9.06 -24.56 -3.24
N PRO B 274 -8.95 -25.86 -2.89
CA PRO B 274 -7.79 -26.63 -3.35
C PRO B 274 -7.75 -26.80 -4.86
N ALA B 275 -6.72 -27.48 -5.35
CA ALA B 275 -6.59 -27.74 -6.78
C ALA B 275 -6.92 -29.20 -7.08
O7 J7T C . 7.60 5.11 -1.05
O14 J7T C . 7.93 8.46 -2.54
O23 J7T C . 10.00 10.25 -3.90
O25 J7T C . 8.09 7.52 -0.27
O1 J7T C . 9.65 2.06 2.16
O10 J7T C . 12.29 1.31 0.31
O11 J7T C . 9.95 6.65 -2.12
O12 J7T C . 9.23 3.94 -3.39
O13 J7T C . 5.85 9.24 -1.08
O15 J7T C . 7.60 9.76 0.95
O16 J7T C . 9.76 9.04 -1.14
O17 J7T C . 11.74 8.20 -3.17
O18 J7T C . 13.96 6.31 -2.26
O19 J7T C . 11.99 5.61 -4.29
O2 J7T C . 10.09 4.74 3.23
O20 J7T C . 11.97 7.14 -0.49
O21 J7T C . 9.30 7.37 -4.64
O22 J7T C . 10.27 8.43 1.66
O24 J7T C . 7.93 4.20 1.40
O26 J7T C . 11.54 4.85 -1.42
O27 J7T C . 12.07 2.02 -2.25
O28 J7T C . 7.85 11.27 -1.42
O29 J7T C . 14.21 3.87 -4.46
O3 J7T C . 11.64 4.01 0.93
O30 J7T C . 10.89 2.96 -5.54
O31 J7T C . 13.42 0.41 -5.16
O4 J7T C . 9.95 3.30 -0.59
O5 J7T C . 9.61 5.59 0.46
O6 J7T C . 7.42 6.72 2.50
O8 J7T C . 5.70 6.02 0.52
O9 J7T C . 13.86 3.36 -0.57
MO1 J7T C . 9.83 3.85 1.65
MO2 J7T C . 7.39 6.02 0.92
MO3 J7T C . 12.04 2.86 -0.69
MO4 J7T C . 9.35 4.71 -1.75
MO5 J7T C . 7.59 9.52 -0.97
MO6 J7T C . 12.18 6.33 -2.58
MO7 J7T C . 9.75 8.49 -3.30
MO8 J7T C . 10.21 7.63 0.10
MO9 J7T C . 12.65 2.32 -4.35
MO1 J7N D . 8.53 11.13 2.38
MO2 J7N D . 9.38 10.71 5.89
O1 J7N D . 8.12 13.07 1.68
O3 J7N D . 7.98 11.65 4.47
O4 J7N D . 10.49 12.12 5.86
O5 J7N D . 8.23 8.96 6.11
O2 J7N D . 10.06 10.09 3.78
O11 J8E E . 18.86 16.27 0.40
O31 J8E E . 21.46 17.63 -3.92
O32 J8E E . 22.71 15.39 -3.47
O33 J8E E . 23.25 17.57 -1.64
O34 J8E E . 20.13 15.53 -2.19
O41 J8E E . 20.30 17.84 -1.24
O44 J8E E . 17.22 15.47 -1.69
O45 J8E E . 18.21 17.15 -3.33
O81 J8E E . 20.44 20.97 -0.12
O91 J8E E . 20.69 14.06 1.85
MO3 J8E E . 21.80 16.66 -2.45
MO4 J8E E . 18.56 16.67 -1.63
MO7 J8E E . 20.68 15.89 1.32
MO8 J8E E . 20.58 19.03 0.40
O11 FUQ F . 3.64 -2.65 -17.28
O12 FUQ F . 6.28 -1.38 -16.66
O13 FUQ F . 3.59 -0.11 -16.40
O14 FUQ F . 5.41 -2.35 -19.14
O15 FUQ F . 5.36 0.31 -18.58
O21 FUQ F . -0.32 -0.49 -20.21
O22 FUQ F . 1.36 -2.71 -19.78
O23 FUQ F . 0.89 -1.42 -18.01
O24 FUQ F . 1.98 -1.13 -21.58
O25 FUQ F . 3.38 -0.70 -19.14
O31 FUQ F . 1.33 3.03 -22.99
O32 FUQ F . 0.45 0.86 -22.17
O33 FUQ F . 2.94 0.86 -22.68
O34 FUQ F . 0.69 2.65 -20.55
O35 FUQ F . 1.99 0.76 -20.38
O41 FUQ F . 7.07 1.21 -16.72
O42 FUQ F . 6.50 3.57 -17.69
O43 FUQ F . 7.71 1.82 -19.19
O44 FUQ F . 4.54 2.32 -17.20
O45 FUQ F . 5.48 2.57 -19.68
O51 FUQ F . 5.21 5.35 -19.48
O52 FUQ F . 3.10 4.93 -21.09
O53 FUQ F . 5.11 3.91 -21.94
O54 FUQ F . 3.06 3.91 -18.53
O55 FUQ F . 3.18 2.52 -20.68
MO1 FUQ F . 4.68 -1.17 -17.86
MO2 FUQ F . 1.47 -0.81 -19.72
MO3 FUQ F . 1.85 1.94 -21.57
MO4 FUQ F . 6.09 1.89 -18.20
MO5 FUQ F . 4.29 3.86 -20.23
O11 J7Q G . 15.57 8.72 8.95
O12 J7Q G . 15.82 6.24 10.39
O13 J7Q G . 15.77 6.39 7.15
O14 J7Q G . 13.48 5.61 8.84
O15 J7Q G . 13.20 8.21 9.98
O21 J7Q G . 10.87 7.95 4.93
O22 J7Q G . 11.83 10.01 6.64
O23 J7Q G . 12.45 6.31 6.54
O24 J7Q G . 13.85 8.53 5.28
O25 J7Q G . 12.93 8.26 8.10
O31 J7Q G . 6.50 9.37 8.31
O33 J7Q G . 8.86 10.63 8.14
O34 J7Q G . 7.54 6.99 8.45
O35 J7Q G . 10.69 8.21 8.16
O41 J7Q G . 13.12 9.47 12.41
O42 J7Q G . 14.86 7.34 12.38
O43 J7Q G . 12.32 7.19 13.65
O44 J7Q G . 12.78 5.86 11.35
O45 J7Q G . 11.62 8.25 10.73
O51 J7Q G . 10.18 8.08 13.48
O52 J7Q G . 8.09 8.73 11.60
O53 J7Q G . 9.94 10.22 11.42
O54 J7Q G . 10.45 6.21 11.16
O55 J7Q G . 9.54 7.95 9.64
O61 J7Q G . 12.30 10.79 9.89
O71 J7Q G . 10.81 4.98 8.23
MO1 J7Q G . 14.76 7.00 8.88
MO2 J7Q G . 12.21 8.19 6.26
MO3 J7Q G . 8.24 8.72 8.11
MO4 J7Q G . 13.13 7.62 11.99
MO5 J7Q G . 9.87 8.24 11.62
MO6 J7Q G . 11.08 9.95 9.05
MO7 J7Q G . 11.42 6.44 9.08
PG ATP H . -4.22 -3.82 15.99
O1G ATP H . -3.55 -2.47 16.15
O2G ATP H . -3.27 -4.98 16.01
O3G ATP H . -5.23 -3.85 14.88
PB ATP H . -6.13 -5.06 17.80
O1B ATP H . -6.56 -5.90 16.62
O2B ATP H . -5.57 -5.74 19.02
O3B ATP H . -5.05 -3.93 17.38
PA ATP H . -8.76 -3.93 17.58
O1A ATP H . -8.80 -2.50 17.07
O2A ATP H . -9.00 -5.06 16.62
O3A ATP H . -7.32 -4.08 18.28
O5' ATP H . -9.80 -4.04 18.80
C5' ATP H . -10.41 -5.25 19.24
C4' ATP H . -11.77 -4.81 19.75
O4' ATP H . -12.69 -4.62 18.67
C3' ATP H . -12.47 -5.78 20.69
O3' ATP H . -11.95 -5.72 22.01
C2' ATP H . -13.93 -5.34 20.57
O2' ATP H . -14.35 -4.42 21.59
C1' ATP H . -13.99 -4.54 19.25
N9 ATP H . -15.02 -5.02 18.29
C8 ATP H . -15.74 -4.18 17.53
N7 ATP H . -16.61 -4.87 16.75
C5 ATP H . -16.45 -6.18 17.04
C6 ATP H . -17.06 -7.44 16.57
N6 ATP H . -18.04 -7.40 15.63
N1 ATP H . -16.63 -8.60 17.10
C2 ATP H . -15.66 -8.63 18.04
N3 ATP H . -15.06 -7.51 18.50
C4 ATP H . -15.41 -6.28 18.05
MG MG I . -8.13 -6.63 15.64
O1 J8B J . 10.41 -0.58 14.87
MO1 J8B J . 10.19 0.33 13.26
O2 J8B J . 9.56 1.98 13.73
MO2 J8B J . 7.73 0.18 11.16
O3 J8B J . 11.96 0.88 12.70
MO3 J8B J . 13.19 -0.68 12.41
O4 J8B J . 11.21 -1.37 12.09
MO4 J8B J . 10.61 -1.44 10.28
O5 J8B J . 9.96 0.60 11.19
MO5 J8B J . 7.33 1.29 7.62
O6 J8B J . 7.07 1.68 11.70
MO6 J8B J . 12.94 0.14 8.57
O7 J8B J . 8.73 -1.60 10.45
MO7 J8B J . 10.43 0.36 6.38
O8 J8B J . 6.31 -0.77 10.79
MO8 J8B J . 10.08 1.87 9.49
O9 J8B J . 14.60 0.59 12.24
O11 J8B J . 10.70 -0.25 8.53
O12 J8B J . 11.28 -3.02 9.67
O13 J8B J . 5.93 0.27 7.93
O14 J8B J . 8.54 -0.05 6.90
O15 J8B J . 6.92 2.88 8.71
O16 J8B J . 9.49 1.91 7.65
O17 J8B J . 12.29 0.94 6.84
O18 J8B J . 14.49 1.01 8.88
O19 J8B J . 13.44 -1.51 7.89
O20 J8B J . 11.98 1.95 9.42
O21 J8B J . 10.75 -1.34 5.95
O22 J8B J . 9.42 3.38 10.08
O23 J8B J . 10.38 1.43 4.84
O24 J8B J . 8.50 -0.50 12.79
O25 J8B J . 8.36 0.58 9.33
O26 J8B J . 12.42 -0.19 10.45
O27 J8B J . 13.38 -1.21 14.07
MO1 J85 K . 19.35 -8.51 6.88
MO3 J85 K . 23.13 -4.83 4.59
MO4 J85 K . 19.92 -5.27 4.59
MO7 J85 K . 21.58 -5.75 7.78
MO8 J85 K . 21.46 -2.74 6.91
O10 J85 K . 21.59 -7.13 8.07
O12 J85 K . 18.66 -7.74 8.23
O11 J85 K . 21.33 -4.14 5.39
O31 J85 K . 24.48 -5.68 3.75
O32 J85 K . 24.18 -3.52 5.48
O33 J85 K . 22.70 -3.66 3.17
O41 J85 K . 21.82 -6.83 4.27
O42 J85 K . 19.62 -6.14 6.59
O44 J85 K . 18.90 -6.66 3.80
O45 J85 K . 20.17 -4.53 2.97
O81 J85 K . 21.43 -0.46 6.24
MO MOO L . 19.94 -10.56 10.22
O1 MOO L . 18.83 -9.26 10.39
O2 MOO L . 20.10 -10.36 8.22
O3 MOO L . 19.84 -11.48 11.70
O4 MOO L . 21.81 -11.88 9.59
#